data_3IB7
#
_entry.id   3IB7
#
_cell.length_a   100.178
_cell.length_b   100.178
_cell.length_c   80.248
_cell.angle_alpha   90.000
_cell.angle_beta   90.000
_cell.angle_gamma   90.000
#
_symmetry.space_group_name_H-M   'P 41 21 2'
#
loop_
_entity.id
_entity.type
_entity.pdbx_description
1 polymer 'Icc protein'
2 non-polymer 'FE (III) ION'
3 non-polymer 'MANGANESE (II) ION'
4 non-polymer 'ACETATE ION'
5 non-polymer 2-[BIS-(2-HYDROXY-ETHYL)-AMINO]-2-HYDROXYMETHYL-PROPANE-1,3-DIOL
6 non-polymer (4S)-2-METHYL-2,4-PENTANEDIOL
7 water water
#
_entity_poly.entity_id   1
_entity_poly.type   'polypeptide(L)'
_entity_poly.pdbx_seq_one_letter_code
;GAMGIRNSKAYVEHRLRAAEHPRPDYVLLHISDTHLIGGDRRLYGAVDADDRLGELLEQLNQSGLRPDAIVFTGDLADKG
EPAAYRKLRGLVEPFAAQLGAELVWVMGNHDDRAELRKFLLDEAPSMAPLDRVCMIDGLRIIVLDTSVPGHHHGEIRASQ
LGWLAEELATPAPDGTILALHHPPIPSVLDMAVTVELRDQAALGRVLRGTDVRAILAGHLHYSTNATFVGIPVSVASATC
YTQDLTVAAGGTRGRDGAQGCNLVHVYPDTVVHSVIPLGGGETVGTFVSPGQARRKIAESGIFIEPSRRDSLFKHPPMVL
TSSAPRSPVD
;
_entity_poly.pdbx_strand_id   A
#
loop_
_chem_comp.id
_chem_comp.type
_chem_comp.name
_chem_comp.formula
ACT non-polymer 'ACETATE ION' 'C2 H3 O2 -1'
BTB non-polymer 2-[BIS-(2-HYDROXY-ETHYL)-AMINO]-2-HYDROXYMETHYL-PROPANE-1,3-DIOL 'C8 H19 N O5'
FE non-polymer 'FE (III) ION' 'Fe 3'
MN non-polymer 'MANGANESE (II) ION' 'Mn 2'
MPD non-polymer (4S)-2-METHYL-2,4-PENTANEDIOL 'C6 H14 O2'
#
# COMPACT_ATOMS: atom_id res chain seq x y z
N LEU A 16 -5.31 -33.60 -16.48
CA LEU A 16 -4.65 -32.60 -15.60
C LEU A 16 -5.42 -32.43 -14.28
N ARG A 17 -4.70 -32.18 -13.19
CA ARG A 17 -5.32 -31.93 -11.89
C ARG A 17 -5.21 -30.47 -11.51
N ALA A 18 -6.20 -29.97 -10.78
CA ALA A 18 -6.24 -28.57 -10.39
C ALA A 18 -5.21 -28.26 -9.31
N ALA A 19 -4.53 -27.13 -9.47
CA ALA A 19 -3.65 -26.61 -8.43
C ALA A 19 -4.47 -26.34 -7.17
N GLU A 20 -3.80 -26.17 -6.03
CA GLU A 20 -4.48 -26.06 -4.73
C GLU A 20 -5.34 -24.81 -4.61
N HIS A 21 -4.97 -23.77 -5.35
CA HIS A 21 -5.70 -22.51 -5.32
C HIS A 21 -6.01 -22.01 -6.74
N PRO A 22 -7.16 -21.33 -6.91
CA PRO A 22 -7.49 -20.80 -8.21
C PRO A 22 -6.73 -19.49 -8.41
N ARG A 23 -6.87 -18.89 -9.59
CA ARG A 23 -6.44 -17.49 -9.77
C ARG A 23 -7.20 -16.60 -8.79
N PRO A 24 -6.60 -15.48 -8.37
CA PRO A 24 -7.25 -14.61 -7.39
C PRO A 24 -8.48 -13.90 -7.95
N ASP A 25 -9.40 -13.54 -7.04
CA ASP A 25 -10.58 -12.75 -7.40
C ASP A 25 -10.18 -11.32 -7.76
N TYR A 26 -9.27 -10.73 -6.98
CA TYR A 26 -8.80 -9.36 -7.15
C TYR A 26 -7.30 -9.28 -6.98
N VAL A 27 -6.70 -8.30 -7.67
CA VAL A 27 -5.27 -8.03 -7.56
C VAL A 27 -5.11 -6.54 -7.33
N LEU A 28 -4.31 -6.18 -6.32
CA LEU A 28 -4.02 -4.78 -6.03
C LEU A 28 -2.52 -4.59 -5.88
N LEU A 29 -2.03 -3.45 -6.34
CA LEU A 29 -0.69 -3.02 -5.95
C LEU A 29 -0.84 -2.18 -4.71
N HIS A 30 0.09 -2.37 -3.77
CA HIS A 30 0.12 -1.63 -2.53
C HIS A 30 1.49 -0.97 -2.46
N ILE A 31 1.49 0.34 -2.73
CA ILE A 31 2.71 1.16 -2.78
C ILE A 31 2.60 2.16 -1.62
N SER A 32 3.74 2.62 -1.11
CA SER A 32 3.68 3.50 0.06
C SER A 32 4.90 4.40 0.17
N ASP A 33 4.70 5.54 0.83
CA ASP A 33 5.83 6.34 1.31
C ASP A 33 6.77 6.74 0.18
N THR A 34 6.18 7.40 -0.82
CA THR A 34 6.92 7.88 -1.98
C THR A 34 7.79 9.11 -1.64
N HIS A 35 7.30 9.96 -0.74
CA HIS A 35 8.06 11.10 -0.22
C HIS A 35 8.66 11.99 -1.32
N LEU A 36 7.88 12.28 -2.37
CA LEU A 36 8.38 13.17 -3.42
C LEU A 36 8.48 14.61 -2.94
N ILE A 37 9.44 15.34 -3.50
CA ILE A 37 9.57 16.78 -3.23
C ILE A 37 9.47 17.59 -4.52
N GLY A 38 9.17 18.89 -4.39
CA GLY A 38 9.08 19.76 -5.56
C GLY A 38 10.47 19.98 -6.15
N GLY A 39 10.54 20.05 -7.48
CA GLY A 39 11.82 20.32 -8.14
C GLY A 39 12.67 19.07 -8.24
N ASP A 40 13.96 19.25 -8.52
CA ASP A 40 14.82 18.13 -8.89
C ASP A 40 15.84 17.66 -7.85
N ARG A 41 15.79 18.23 -6.64
CA ARG A 41 16.76 17.86 -5.62
C ARG A 41 16.55 16.47 -5.03
N ARG A 42 17.62 15.90 -4.46
CA ARG A 42 17.55 14.62 -3.77
C ARG A 42 16.84 14.76 -2.43
N LEU A 43 15.96 13.82 -2.14
CA LEU A 43 15.28 13.73 -0.84
C LEU A 43 16.33 13.64 0.28
N TYR A 44 16.22 14.57 1.23
CA TYR A 44 17.16 14.70 2.35
C TYR A 44 18.62 14.78 1.86
N GLY A 45 18.80 15.27 0.63
CA GLY A 45 20.11 15.37 0.00
C GLY A 45 20.81 14.05 -0.25
N ALA A 46 20.05 12.94 -0.22
CA ALA A 46 20.66 11.61 -0.19
C ALA A 46 20.17 10.63 -1.26
N VAL A 47 18.92 10.76 -1.67
CA VAL A 47 18.32 9.82 -2.62
C VAL A 47 17.34 10.51 -3.56
N ASP A 48 17.43 10.20 -4.85
CA ASP A 48 16.47 10.72 -5.81
C ASP A 48 15.19 9.91 -5.73
N ALA A 49 14.20 10.43 -4.99
CA ALA A 49 12.91 9.76 -4.78
C ALA A 49 12.11 9.55 -6.07
N ASP A 50 12.25 10.50 -7.01
CA ASP A 50 11.57 10.40 -8.31
C ASP A 50 12.13 9.23 -9.08
N ASP A 51 13.46 9.11 -9.11
CA ASP A 51 14.14 8.02 -9.83
C ASP A 51 13.78 6.66 -9.25
N ARG A 52 13.78 6.55 -7.92
CA ARG A 52 13.44 5.29 -7.28
C ARG A 52 12.01 4.87 -7.60
N LEU A 53 11.06 5.80 -7.47
CA LEU A 53 9.66 5.53 -7.79
C LEU A 53 9.51 5.20 -9.27
N GLY A 54 10.10 6.06 -10.11
CA GLY A 54 10.05 5.86 -11.57
C GLY A 54 10.53 4.49 -12.02
N GLU A 55 11.66 4.05 -11.48
CA GLU A 55 12.22 2.74 -11.83
C GLU A 55 11.24 1.62 -11.47
N LEU A 56 10.66 1.71 -10.27
CA LEU A 56 9.69 0.72 -9.83
C LEU A 56 8.48 0.67 -10.76
N LEU A 57 7.93 1.84 -11.07
CA LEU A 57 6.75 1.91 -11.94
C LEU A 57 7.06 1.32 -13.31
N GLU A 58 8.23 1.63 -13.84
CA GLU A 58 8.61 1.09 -15.16
C GLU A 58 8.72 -0.44 -15.12
N GLN A 59 9.29 -0.96 -14.03
CA GLN A 59 9.44 -2.41 -13.86
C GLN A 59 8.08 -3.08 -13.73
N LEU A 60 7.18 -2.49 -12.94
CA LEU A 60 5.81 -3.00 -12.80
C LEU A 60 5.07 -2.96 -14.15
N ASN A 61 5.23 -1.85 -14.87
CA ASN A 61 4.64 -1.73 -16.19
C ASN A 61 5.11 -2.83 -17.16
N GLN A 62 6.43 -3.06 -17.19
CA GLN A 62 7.01 -4.04 -18.11
C GLN A 62 6.67 -5.49 -17.76
N SER A 63 6.33 -5.73 -16.50
CA SER A 63 6.00 -7.09 -16.03
C SER A 63 4.70 -7.63 -16.63
N GLY A 64 3.81 -6.72 -17.04
CA GLY A 64 2.53 -7.12 -17.61
C GLY A 64 1.42 -7.30 -16.58
N LEU A 65 1.72 -6.99 -15.32
CA LEU A 65 0.73 -7.04 -14.25
C LEU A 65 -0.45 -6.13 -14.58
N ARG A 66 -1.67 -6.63 -14.36
CA ARG A 66 -2.90 -5.89 -14.62
C ARG A 66 -3.78 -5.84 -13.37
N PRO A 67 -3.41 -5.00 -12.40
CA PRO A 67 -4.15 -4.97 -11.13
C PRO A 67 -5.50 -4.28 -11.28
N ASP A 68 -6.44 -4.63 -10.41
CA ASP A 68 -7.73 -3.94 -10.34
C ASP A 68 -7.58 -2.53 -9.78
N ALA A 69 -6.63 -2.36 -8.86
CA ALA A 69 -6.39 -1.08 -8.22
C ALA A 69 -4.97 -0.94 -7.72
N ILE A 70 -4.55 0.30 -7.57
CA ILE A 70 -3.25 0.65 -7.01
C ILE A 70 -3.54 1.53 -5.81
N VAL A 71 -3.04 1.12 -4.64
CA VAL A 71 -3.32 1.81 -3.38
C VAL A 71 -2.00 2.36 -2.83
N PHE A 72 -1.94 3.67 -2.60
CA PHE A 72 -0.76 4.32 -2.04
C PHE A 72 -1.04 4.70 -0.59
N THR A 73 -0.43 3.98 0.34
CA THR A 73 -0.75 4.16 1.78
C THR A 73 0.02 5.28 2.49
N GLY A 74 0.06 6.45 1.87
CA GLY A 74 0.46 7.68 2.56
C GLY A 74 1.91 8.09 2.48
N ASP A 75 2.17 9.32 2.94
CA ASP A 75 3.47 9.99 2.78
C ASP A 75 3.81 10.11 1.30
N LEU A 76 2.85 10.67 0.56
CA LEU A 76 2.97 10.79 -0.89
C LEU A 76 3.97 11.90 -1.24
N ALA A 77 3.78 13.07 -0.63
CA ALA A 77 4.72 14.18 -0.77
C ALA A 77 5.41 14.42 0.56
N ASP A 78 6.74 14.53 0.53
CA ASP A 78 7.52 14.63 1.77
C ASP A 78 7.20 15.85 2.64
N LYS A 79 6.85 16.97 2.00
CA LYS A 79 6.49 18.19 2.73
C LYS A 79 5.16 18.76 2.21
N GLY A 80 4.32 17.88 1.66
CA GLY A 80 2.99 18.29 1.18
C GLY A 80 3.02 19.39 0.14
N GLU A 81 4.10 19.44 -0.64
CA GLU A 81 4.29 20.48 -1.66
C GLU A 81 3.37 20.30 -2.87
N PRO A 82 2.62 21.36 -3.26
CA PRO A 82 1.87 21.33 -4.52
C PRO A 82 2.64 20.76 -5.70
N ALA A 83 3.90 21.20 -5.88
CA ALA A 83 4.72 20.74 -6.99
C ALA A 83 5.01 19.24 -6.92
N ALA A 84 5.12 18.71 -5.69
CA ALA A 84 5.30 17.28 -5.49
C ALA A 84 4.04 16.50 -5.87
N TYR A 85 2.87 16.99 -5.47
CA TYR A 85 1.60 16.34 -5.85
C TYR A 85 1.38 16.34 -7.35
N ARG A 86 1.71 17.46 -8.00
CA ARG A 86 1.55 17.58 -9.45
C ARG A 86 2.43 16.56 -10.16
N LYS A 87 3.66 16.44 -9.68
CA LYS A 87 4.63 15.49 -10.26
C LYS A 87 4.20 14.03 -10.03
N LEU A 88 3.81 13.73 -8.80
CA LEU A 88 3.32 12.40 -8.45
C LEU A 88 2.15 12.00 -9.35
N ARG A 89 1.19 12.91 -9.52
CA ARG A 89 0.05 12.69 -10.39
C ARG A 89 0.46 12.43 -11.85
N GLY A 90 1.39 13.24 -12.36
CA GLY A 90 1.91 13.07 -13.71
C GLY A 90 2.63 11.75 -13.96
N LEU A 91 3.26 11.21 -12.92
CA LEU A 91 3.94 9.92 -13.03
C LEU A 91 2.95 8.76 -12.91
N VAL A 92 2.03 8.88 -11.96
CA VAL A 92 1.19 7.75 -11.54
C VAL A 92 -0.08 7.58 -12.36
N GLU A 93 -0.75 8.68 -12.70
CA GLU A 93 -1.99 8.56 -13.48
C GLU A 93 -1.85 7.83 -14.82
N PRO A 94 -0.81 8.17 -15.62
CA PRO A 94 -0.60 7.41 -16.88
C PRO A 94 -0.27 5.94 -16.65
N PHE A 95 0.46 5.66 -15.57
CA PHE A 95 0.78 4.30 -15.13
C PHE A 95 -0.50 3.51 -14.81
N ALA A 96 -1.38 4.11 -14.00
CA ALA A 96 -2.65 3.48 -13.64
C ALA A 96 -3.54 3.27 -14.86
N ALA A 97 -3.60 4.27 -15.74
CA ALA A 97 -4.40 4.19 -16.97
C ALA A 97 -3.88 3.08 -17.89
N GLN A 98 -2.56 2.97 -18.02
CA GLN A 98 -1.94 1.95 -18.88
C GLN A 98 -2.23 0.53 -18.36
N LEU A 99 -2.31 0.41 -17.03
CA LEU A 99 -2.56 -0.88 -16.37
C LEU A 99 -4.05 -1.22 -16.24
N GLY A 100 -4.90 -0.26 -16.62
CA GLY A 100 -6.35 -0.38 -16.44
C GLY A 100 -6.79 -0.45 -14.98
N ALA A 101 -6.06 0.22 -14.11
CA ALA A 101 -6.30 0.13 -12.67
C ALA A 101 -6.90 1.39 -12.08
N GLU A 102 -7.74 1.22 -11.07
CA GLU A 102 -8.24 2.35 -10.30
C GLU A 102 -7.16 2.79 -9.31
N LEU A 103 -7.21 4.05 -8.95
CA LEU A 103 -6.17 4.66 -8.15
C LEU A 103 -6.76 5.08 -6.81
N VAL A 104 -6.10 4.66 -5.73
CA VAL A 104 -6.56 4.95 -4.37
C VAL A 104 -5.44 5.65 -3.59
N TRP A 105 -5.68 6.90 -3.20
CA TRP A 105 -4.70 7.69 -2.46
C TRP A 105 -5.07 7.78 -0.99
N VAL A 106 -4.04 7.75 -0.12
CA VAL A 106 -4.23 7.76 1.33
C VAL A 106 -3.28 8.81 1.94
N MET A 107 -3.77 9.57 2.93
CA MET A 107 -2.93 10.53 3.66
C MET A 107 -1.88 9.85 4.54
N GLY A 108 -0.68 10.43 4.59
CA GLY A 108 0.30 10.11 5.62
C GLY A 108 0.64 11.36 6.44
N ASN A 109 1.45 11.20 7.47
CA ASN A 109 1.83 12.33 8.33
C ASN A 109 2.58 13.47 7.61
N HIS A 110 3.27 13.16 6.50
CA HIS A 110 4.01 14.15 5.73
C HIS A 110 3.12 14.92 4.75
N ASP A 111 1.94 14.38 4.47
CA ASP A 111 1.04 15.04 3.50
C ASP A 111 0.30 16.23 4.10
N ASP A 112 -0.23 17.07 3.22
CA ASP A 112 -1.06 18.18 3.64
C ASP A 112 -2.42 17.98 3.01
N ARG A 113 -3.46 17.85 3.85
CA ARG A 113 -4.81 17.52 3.37
C ARG A 113 -5.32 18.46 2.28
N ALA A 114 -5.11 19.76 2.48
CA ALA A 114 -5.61 20.78 1.57
C ALA A 114 -4.90 20.72 0.22
N GLU A 115 -3.57 20.62 0.26
CA GLU A 115 -2.78 20.61 -0.96
C GLU A 115 -2.97 19.30 -1.73
N LEU A 116 -3.08 18.19 -1.00
CA LEU A 116 -3.42 16.90 -1.60
C LEU A 116 -4.75 16.98 -2.33
N ARG A 117 -5.78 17.48 -1.67
CA ARG A 117 -7.09 17.64 -2.31
C ARG A 117 -7.00 18.46 -3.60
N LYS A 118 -6.36 19.63 -3.51
CA LYS A 118 -6.27 20.54 -4.66
C LYS A 118 -5.50 19.94 -5.83
N PHE A 119 -4.31 19.42 -5.53
CA PHE A 119 -3.34 19.13 -6.60
C PHE A 119 -3.30 17.67 -7.00
N LEU A 120 -3.71 16.79 -6.10
CA LEU A 120 -3.83 15.39 -6.41
C LEU A 120 -5.23 14.99 -6.86
N LEU A 121 -6.27 15.59 -6.26
CA LEU A 121 -7.66 15.13 -6.46
C LEU A 121 -8.59 16.07 -7.24
N ASP A 122 -8.12 17.29 -7.56
CA ASP A 122 -8.97 18.33 -8.17
C ASP A 122 -10.19 18.64 -7.29
N GLU A 123 -10.00 18.59 -5.98
CA GLU A 123 -11.09 18.84 -5.04
C GLU A 123 -10.82 20.13 -4.26
N ALA A 124 -11.89 20.78 -3.81
CA ALA A 124 -11.78 21.99 -3.01
C ALA A 124 -10.89 21.71 -1.81
N PRO A 125 -10.00 22.67 -1.48
CA PRO A 125 -9.15 22.46 -0.31
C PRO A 125 -10.01 22.41 0.96
N SER A 126 -9.74 21.41 1.77
CA SER A 126 -10.41 21.22 3.05
C SER A 126 -9.39 20.59 3.96
N MET A 127 -9.49 20.88 5.26
CA MET A 127 -8.63 20.24 6.25
C MET A 127 -9.33 19.08 6.98
N ALA A 128 -10.52 18.70 6.49
CA ALA A 128 -11.21 17.53 7.03
C ALA A 128 -10.38 16.26 6.78
N PRO A 129 -10.49 15.26 7.67
CA PRO A 129 -9.76 14.00 7.40
C PRO A 129 -10.09 13.42 6.02
N LEU A 130 -9.09 12.84 5.36
CA LEU A 130 -9.33 12.21 4.06
C LEU A 130 -9.83 10.78 4.27
N ASP A 131 -11.13 10.68 4.58
CA ASP A 131 -11.79 9.40 4.81
C ASP A 131 -12.75 9.16 3.65
N ARG A 132 -12.62 8.01 3.01
CA ARG A 132 -13.34 7.72 1.78
C ARG A 132 -13.69 6.25 1.69
N VAL A 133 -14.69 5.95 0.86
CA VAL A 133 -15.08 4.57 0.58
C VAL A 133 -15.35 4.43 -0.90
N CYS A 134 -14.98 3.29 -1.46
CA CYS A 134 -15.40 2.95 -2.81
C CYS A 134 -15.54 1.44 -2.94
N MET A 135 -16.13 1.03 -4.06
CA MET A 135 -16.29 -0.38 -4.40
C MET A 135 -15.51 -0.71 -5.67
N ILE A 136 -14.85 -1.86 -5.67
CA ILE A 136 -14.35 -2.45 -6.91
C ILE A 136 -15.15 -3.74 -7.07
N ASP A 137 -16.16 -3.72 -7.95
CA ASP A 137 -17.13 -4.80 -8.04
C ASP A 137 -17.65 -5.09 -6.61
N GLY A 138 -17.42 -6.31 -6.11
CA GLY A 138 -17.89 -6.70 -4.77
C GLY A 138 -16.94 -6.43 -3.61
N LEU A 139 -15.75 -5.91 -3.91
CA LEU A 139 -14.75 -5.61 -2.88
C LEU A 139 -14.83 -4.17 -2.41
N ARG A 140 -14.98 -3.97 -1.10
CA ARG A 140 -15.04 -2.63 -0.54
C ARG A 140 -13.65 -2.17 -0.13
N ILE A 141 -13.32 -0.92 -0.48
CA ILE A 141 -12.07 -0.30 -0.03
C ILE A 141 -12.44 0.93 0.78
N ILE A 142 -11.98 0.94 2.02
CA ILE A 142 -12.15 2.09 2.91
C ILE A 142 -10.80 2.74 3.15
N VAL A 143 -10.73 4.05 2.88
CA VAL A 143 -9.54 4.85 3.13
C VAL A 143 -9.76 5.62 4.43
N LEU A 144 -8.83 5.47 5.37
CA LEU A 144 -8.86 6.19 6.64
C LEU A 144 -7.64 7.10 6.77
N ASP A 145 -7.86 8.26 7.37
CA ASP A 145 -6.80 9.26 7.58
C ASP A 145 -6.35 9.24 9.04
N THR A 146 -5.17 8.66 9.28
CA THR A 146 -4.59 8.57 10.62
C THR A 146 -3.68 9.76 10.92
N SER A 147 -3.53 10.67 9.95
CA SER A 147 -2.65 11.83 10.13
C SER A 147 -3.28 12.86 11.07
N VAL A 148 -2.42 13.65 11.68
CA VAL A 148 -2.81 14.72 12.59
C VAL A 148 -2.07 15.96 12.09
N PRO A 149 -2.81 16.96 11.56
CA PRO A 149 -2.11 18.14 11.06
C PRO A 149 -1.13 18.72 12.07
N GLY A 150 0.08 19.01 11.60
CA GLY A 150 1.13 19.60 12.44
C GLY A 150 1.86 18.61 13.33
N HIS A 151 1.49 17.33 13.24
CA HIS A 151 2.05 16.27 14.07
C HIS A 151 2.43 15.06 13.22
N HIS A 152 3.21 14.16 13.81
CA HIS A 152 3.69 12.98 13.09
C HIS A 152 3.21 11.63 13.58
N HIS A 153 2.69 11.60 14.82
CA HIS A 153 2.09 10.40 15.34
C HIS A 153 0.72 10.21 14.69
N GLY A 154 0.09 9.06 14.92
CA GLY A 154 -1.22 8.78 14.35
C GLY A 154 -2.33 8.89 15.37
N GLU A 155 -3.49 9.38 14.93
CA GLU A 155 -4.69 9.43 15.76
C GLU A 155 -5.90 9.23 14.87
N ILE A 156 -6.94 8.65 15.43
CA ILE A 156 -8.22 8.54 14.73
C ILE A 156 -9.25 9.20 15.65
N ARG A 157 -9.88 10.28 15.18
CA ARG A 157 -10.85 11.03 15.98
C ARG A 157 -12.05 10.14 16.32
N ALA A 158 -12.72 10.43 17.44
CA ALA A 158 -13.98 9.76 17.76
C ALA A 158 -14.96 9.81 16.58
N SER A 159 -15.04 10.96 15.91
CA SER A 159 -15.95 11.11 14.77
C SER A 159 -15.60 10.17 13.63
N GLN A 160 -14.31 9.95 13.40
CA GLN A 160 -13.84 9.03 12.37
C GLN A 160 -14.20 7.58 12.73
N LEU A 161 -14.04 7.24 14.01
CA LEU A 161 -14.39 5.90 14.48
C LEU A 161 -15.88 5.64 14.33
N GLY A 162 -16.70 6.64 14.61
CA GLY A 162 -18.16 6.52 14.45
C GLY A 162 -18.52 6.28 12.99
N TRP A 163 -17.91 7.07 12.11
CA TRP A 163 -18.13 6.93 10.68
C TRP A 163 -17.72 5.54 10.20
N LEU A 164 -16.55 5.09 10.63
CA LEU A 164 -16.05 3.77 10.25
C LEU A 164 -16.96 2.65 10.75
N ALA A 165 -17.40 2.74 12.00
CA ALA A 165 -18.34 1.76 12.55
C ALA A 165 -19.63 1.70 11.75
N GLU A 166 -20.15 2.86 11.37
CA GLU A 166 -21.41 2.92 10.61
C GLU A 166 -21.23 2.26 9.24
N GLU A 167 -20.10 2.52 8.59
CA GLU A 167 -19.83 1.92 7.30
C GLU A 167 -19.73 0.39 7.42
N LEU A 168 -19.04 -0.06 8.47
CA LEU A 168 -18.80 -1.49 8.65
C LEU A 168 -19.98 -2.26 9.28
N ALA A 169 -21.09 -1.57 9.50
CA ALA A 169 -22.29 -2.20 10.08
C ALA A 169 -22.83 -3.33 9.21
N THR A 170 -22.58 -3.24 7.91
CA THR A 170 -22.89 -4.34 6.99
C THR A 170 -21.63 -4.72 6.21
N PRO A 171 -21.50 -6.01 5.83
CA PRO A 171 -20.35 -6.47 5.06
C PRO A 171 -20.53 -6.28 3.56
N ALA A 172 -19.42 -6.34 2.85
CA ALA A 172 -19.43 -6.34 1.38
C ALA A 172 -19.29 -7.77 0.88
N PRO A 173 -19.76 -8.07 -0.35
CA PRO A 173 -19.69 -9.45 -0.84
C PRO A 173 -18.30 -10.08 -0.79
N ASP A 174 -17.27 -9.33 -1.17
CA ASP A 174 -15.90 -9.83 -1.13
C ASP A 174 -15.13 -9.32 0.08
N GLY A 175 -15.86 -8.83 1.07
CA GLY A 175 -15.26 -8.24 2.26
C GLY A 175 -14.62 -6.90 1.98
N THR A 176 -13.78 -6.45 2.91
CA THR A 176 -13.30 -5.09 2.91
C THR A 176 -11.79 -4.99 3.11
N ILE A 177 -11.17 -4.05 2.40
CA ILE A 177 -9.78 -3.69 2.63
C ILE A 177 -9.78 -2.30 3.25
N LEU A 178 -9.11 -2.16 4.39
CA LEU A 178 -8.96 -0.87 5.06
C LEU A 178 -7.55 -0.37 4.78
N ALA A 179 -7.44 0.82 4.18
CA ALA A 179 -6.15 1.41 3.83
C ALA A 179 -5.92 2.63 4.69
N LEU A 180 -4.75 2.69 5.35
CA LEU A 180 -4.42 3.81 6.23
C LEU A 180 -2.90 3.94 6.27
N HIS A 181 -2.38 4.97 6.95
CA HIS A 181 -0.93 5.16 6.99
C HIS A 181 -0.27 4.51 8.21
N HIS A 182 -0.65 4.97 9.41
CA HIS A 182 -0.05 4.48 10.66
C HIS A 182 -0.64 3.12 11.03
N PRO A 183 0.20 2.06 11.08
CA PRO A 183 -0.39 0.73 11.31
C PRO A 183 -0.66 0.40 12.79
N PRO A 184 -1.77 -0.31 13.07
CA PRO A 184 -2.06 -0.72 14.45
C PRO A 184 -1.28 -1.97 14.84
N ILE A 185 0.04 -1.88 14.77
CA ILE A 185 0.90 -3.01 15.13
C ILE A 185 2.17 -2.54 15.84
N PRO A 186 2.81 -3.44 16.62
CA PRO A 186 4.12 -3.11 17.19
C PRO A 186 5.19 -2.94 16.11
N SER A 187 6.19 -2.12 16.40
CA SER A 187 7.35 -1.98 15.52
C SER A 187 8.56 -2.59 16.21
N VAL A 188 9.50 -3.10 15.42
CA VAL A 188 10.74 -3.62 15.98
C VAL A 188 11.76 -2.50 16.21
N LEU A 189 11.47 -1.30 15.72
CA LEU A 189 12.34 -0.14 15.94
C LEU A 189 11.81 0.75 17.06
N ASP A 190 12.63 0.95 18.08
CA ASP A 190 12.21 1.70 19.27
C ASP A 190 11.71 3.11 18.94
N MET A 191 12.41 3.80 18.05
CA MET A 191 12.01 5.17 17.66
C MET A 191 10.58 5.27 17.12
N ALA A 192 10.06 4.17 16.57
CA ALA A 192 8.71 4.20 16.00
C ALA A 192 7.64 4.60 17.04
N VAL A 193 7.90 4.33 18.32
CA VAL A 193 6.89 4.64 19.35
C VAL A 193 6.56 6.13 19.42
N THR A 194 7.53 6.98 19.07
CA THR A 194 7.34 8.44 19.14
C THR A 194 6.27 8.93 18.16
N VAL A 195 6.04 8.14 17.11
CA VAL A 195 5.15 8.54 16.02
C VAL A 195 4.15 7.43 15.63
N GLU A 196 3.89 6.52 16.57
CA GLU A 196 2.95 5.42 16.31
C GLU A 196 1.49 5.88 16.38
N LEU A 197 0.58 5.02 15.88
CA LEU A 197 -0.85 5.25 16.02
C LEU A 197 -1.24 5.10 17.49
N ARG A 198 -1.82 6.16 18.07
CA ARG A 198 -2.24 6.17 19.47
C ARG A 198 -3.66 5.65 19.65
N ASP A 199 -3.94 5.15 20.85
CA ASP A 199 -5.26 4.62 21.22
C ASP A 199 -5.79 3.59 20.22
N GLN A 200 -4.93 2.62 19.91
CA GLN A 200 -5.32 1.50 19.06
C GLN A 200 -6.51 0.72 19.62
N ALA A 201 -6.66 0.66 20.94
CA ALA A 201 -7.79 -0.05 21.54
C ALA A 201 -9.14 0.42 20.98
N ALA A 202 -9.28 1.74 20.78
CA ALA A 202 -10.54 2.30 20.29
C ALA A 202 -10.85 1.85 18.85
N LEU A 203 -9.83 1.83 18.00
CA LEU A 203 -9.98 1.29 16.65
C LEU A 203 -10.31 -0.21 16.70
N GLY A 204 -9.67 -0.92 17.62
CA GLY A 204 -9.89 -2.36 17.78
C GLY A 204 -11.36 -2.68 18.07
N ARG A 205 -12.00 -1.87 18.92
CA ARG A 205 -13.41 -2.07 19.25
C ARG A 205 -14.32 -1.93 18.03
N VAL A 206 -13.93 -1.06 17.10
CA VAL A 206 -14.71 -0.85 15.88
C VAL A 206 -14.49 -2.00 14.90
N LEU A 207 -13.24 -2.40 14.74
CA LEU A 207 -12.88 -3.38 13.71
C LEU A 207 -13.20 -4.83 14.04
N ARG A 208 -13.19 -5.16 15.33
CA ARG A 208 -13.34 -6.55 15.73
C ARG A 208 -14.65 -7.13 15.20
N GLY A 209 -14.57 -8.30 14.56
CA GLY A 209 -15.75 -9.00 14.10
C GLY A 209 -16.35 -8.52 12.80
N THR A 210 -15.73 -7.51 12.18
CA THR A 210 -16.22 -6.95 10.91
C THR A 210 -15.66 -7.73 9.71
N ASP A 211 -16.03 -7.31 8.50
CA ASP A 211 -15.59 -8.00 7.29
C ASP A 211 -14.27 -7.48 6.72
N VAL A 212 -13.50 -6.77 7.55
CA VAL A 212 -12.20 -6.28 7.10
C VAL A 212 -11.25 -7.47 7.00
N ARG A 213 -10.79 -7.74 5.77
CA ARG A 213 -9.95 -8.90 5.45
C ARG A 213 -8.46 -8.57 5.41
N ALA A 214 -8.15 -7.27 5.32
CA ALA A 214 -6.78 -6.80 5.25
C ALA A 214 -6.75 -5.35 5.65
N ILE A 215 -5.77 -5.00 6.46
CA ILE A 215 -5.45 -3.60 6.74
C ILE A 215 -4.13 -3.32 6.03
N LEU A 216 -4.17 -2.45 5.02
CA LEU A 216 -2.96 -2.04 4.30
C LEU A 216 -2.43 -0.76 4.93
N ALA A 217 -1.13 -0.74 5.20
CA ALA A 217 -0.53 0.39 5.90
C ALA A 217 0.89 0.68 5.38
N GLY A 218 1.47 1.76 5.89
CA GLY A 218 2.84 2.12 5.54
C GLY A 218 3.55 2.64 6.79
N HIS A 219 4.20 3.80 6.65
CA HIS A 219 4.78 4.57 7.76
C HIS A 219 6.11 4.01 8.31
N LEU A 220 6.24 2.68 8.39
CA LEU A 220 7.42 2.10 9.02
C LEU A 220 8.66 2.04 8.13
N HIS A 221 8.46 2.10 6.81
CA HIS A 221 9.58 2.02 5.85
C HIS A 221 10.36 0.71 5.97
N TYR A 222 9.67 -0.36 6.35
CA TYR A 222 10.19 -1.72 6.19
C TYR A 222 9.00 -2.66 6.04
N SER A 223 9.25 -3.86 5.51
CA SER A 223 8.16 -4.81 5.27
C SER A 223 7.86 -5.56 6.53
N THR A 224 6.60 -5.48 6.98
CA THR A 224 6.21 -6.14 8.21
C THR A 224 4.72 -6.47 8.18
N ASN A 225 4.33 -7.48 8.96
CA ASN A 225 2.94 -7.89 9.00
C ASN A 225 2.61 -8.47 10.36
N ALA A 226 1.34 -8.37 10.75
CA ALA A 226 0.88 -8.95 12.00
C ALA A 226 -0.64 -9.08 11.95
N THR A 227 -1.27 -9.33 13.09
CA THR A 227 -2.72 -9.19 13.16
C THR A 227 -3.11 -8.12 14.16
N PHE A 228 -4.30 -7.58 13.98
CA PHE A 228 -4.86 -6.62 14.90
C PHE A 228 -6.32 -6.99 15.09
N VAL A 229 -6.70 -7.28 16.32
CA VAL A 229 -8.03 -7.81 16.68
C VAL A 229 -8.50 -8.89 15.68
N GLY A 230 -7.57 -9.76 15.31
CA GLY A 230 -7.83 -10.92 14.46
C GLY A 230 -7.78 -10.64 12.97
N ILE A 231 -7.48 -9.39 12.60
CA ILE A 231 -7.40 -8.97 11.19
C ILE A 231 -5.95 -8.85 10.73
N PRO A 232 -5.60 -9.44 9.56
CA PRO A 232 -4.22 -9.29 9.07
C PRO A 232 -3.91 -7.83 8.73
N VAL A 233 -2.75 -7.37 9.20
CA VAL A 233 -2.20 -6.07 8.84
C VAL A 233 -0.96 -6.30 7.99
N SER A 234 -0.87 -5.58 6.86
CA SER A 234 0.28 -5.67 5.99
C SER A 234 0.85 -4.29 5.76
N VAL A 235 2.10 -4.10 6.18
CA VAL A 235 2.80 -2.82 6.03
C VAL A 235 3.75 -2.95 4.85
N ALA A 236 3.51 -2.17 3.80
CA ALA A 236 4.43 -2.09 2.68
C ALA A 236 5.64 -1.24 3.09
N SER A 237 6.81 -1.61 2.59
CA SER A 237 7.99 -0.75 2.73
C SER A 237 7.84 0.48 1.83
N ALA A 238 8.90 1.30 1.74
CA ALA A 238 8.85 2.59 1.06
C ALA A 238 9.51 2.53 -0.31
N THR A 239 9.11 3.42 -1.22
CA THR A 239 9.77 3.49 -2.53
C THR A 239 11.03 4.35 -2.53
N CYS A 240 11.16 5.24 -1.54
CA CYS A 240 12.27 6.20 -1.52
C CYS A 240 13.52 5.70 -0.79
N TYR A 241 13.36 5.30 0.46
CA TYR A 241 14.47 4.76 1.27
C TYR A 241 13.83 3.88 2.34
N THR A 242 14.59 2.94 2.88
CA THR A 242 14.02 2.00 3.84
C THR A 242 14.86 1.87 5.09
N GLN A 243 14.25 1.38 6.17
CA GLN A 243 14.97 1.16 7.41
C GLN A 243 15.88 -0.06 7.32
N ASP A 244 17.09 0.09 7.85
CA ASP A 244 18.01 -1.04 7.90
C ASP A 244 17.74 -1.77 9.21
N LEU A 245 17.22 -3.00 9.10
CA LEU A 245 16.92 -3.81 10.29
C LEU A 245 18.12 -4.63 10.75
N THR A 246 19.33 -4.26 10.32
CA THR A 246 20.55 -4.84 10.89
C THR A 246 21.29 -3.76 11.69
N VAL A 247 20.62 -2.64 11.92
CA VAL A 247 21.11 -1.56 12.77
C VAL A 247 21.30 -2.04 14.21
N ALA A 248 22.30 -1.47 14.88
CA ALA A 248 22.53 -1.69 16.32
C ALA A 248 21.21 -1.61 17.08
N ALA A 249 20.95 -2.61 17.92
CA ALA A 249 19.67 -2.77 18.60
C ALA A 249 19.32 -1.51 19.41
N GLY A 250 18.13 -0.97 19.17
CA GLY A 250 17.70 0.25 19.86
C GLY A 250 17.76 1.48 18.98
N GLY A 251 18.55 1.41 17.91
CA GLY A 251 18.74 2.55 17.00
C GLY A 251 17.93 2.51 15.72
N THR A 252 18.25 3.45 14.82
CA THR A 252 17.60 3.51 13.52
C THR A 252 18.50 4.16 12.47
N ARG A 253 18.46 3.58 11.28
CA ARG A 253 19.18 4.12 10.13
C ARG A 253 18.38 3.85 8.87
N GLY A 254 17.92 4.93 8.22
CA GLY A 254 17.32 4.81 6.89
C GLY A 254 18.44 4.66 5.86
N ARG A 255 18.13 3.99 4.76
CA ARG A 255 19.15 3.72 3.74
C ARG A 255 18.62 3.65 2.31
N ASP A 256 19.50 3.97 1.37
CA ASP A 256 19.18 3.87 -0.04
C ASP A 256 19.38 2.43 -0.47
N GLY A 257 18.34 1.64 -0.26
CA GLY A 257 18.37 0.22 -0.57
C GLY A 257 17.09 -0.45 -0.11
N ALA A 258 16.84 -1.62 -0.67
CA ALA A 258 15.66 -2.45 -0.33
C ALA A 258 14.29 -1.79 -0.57
N GLN A 259 14.25 -0.75 -1.41
CA GLN A 259 12.99 -0.14 -1.79
C GLN A 259 12.13 -1.11 -2.61
N GLY A 260 10.84 -0.84 -2.67
CA GLY A 260 9.95 -1.61 -3.53
C GLY A 260 8.51 -1.34 -3.14
N CYS A 261 7.62 -2.27 -3.45
CA CYS A 261 6.24 -2.18 -3.00
C CYS A 261 5.71 -3.59 -2.71
N ASN A 262 4.40 -3.69 -2.48
CA ASN A 262 3.73 -4.98 -2.25
C ASN A 262 2.69 -5.30 -3.31
N LEU A 263 2.43 -6.59 -3.47
CA LEU A 263 1.37 -7.06 -4.34
C LEU A 263 0.36 -7.75 -3.45
N VAL A 264 -0.92 -7.46 -3.68
CA VAL A 264 -2.00 -8.06 -2.88
C VAL A 264 -2.87 -8.91 -3.81
N HIS A 265 -3.07 -10.18 -3.44
CA HIS A 265 -3.95 -11.09 -4.16
C HIS A 265 -5.09 -11.46 -3.23
N VAL A 266 -6.32 -11.14 -3.63
CA VAL A 266 -7.51 -11.50 -2.86
C VAL A 266 -8.10 -12.77 -3.47
N TYR A 267 -8.04 -13.87 -2.71
CA TYR A 267 -8.61 -15.15 -3.13
C TYR A 267 -9.97 -15.36 -2.46
N PRO A 268 -10.71 -16.41 -2.86
CA PRO A 268 -11.99 -16.65 -2.17
C PRO A 268 -11.85 -16.83 -0.64
N ASP A 269 -10.73 -17.41 -0.20
CA ASP A 269 -10.60 -17.84 1.20
C ASP A 269 -9.43 -17.21 1.97
N THR A 270 -8.65 -16.36 1.30
CA THR A 270 -7.47 -15.78 1.94
C THR A 270 -6.99 -14.56 1.15
N VAL A 271 -6.17 -13.74 1.78
CA VAL A 271 -5.54 -12.62 1.10
C VAL A 271 -4.04 -12.79 1.21
N VAL A 272 -3.35 -12.76 0.06
CA VAL A 272 -1.89 -12.94 0.03
C VAL A 272 -1.19 -11.60 -0.21
N HIS A 273 -0.21 -11.28 0.64
CA HIS A 273 0.62 -10.10 0.47
C HIS A 273 2.02 -10.57 0.11
N SER A 274 2.61 -9.96 -0.92
CA SER A 274 3.96 -10.35 -1.35
C SER A 274 4.79 -9.10 -1.56
N VAL A 275 6.05 -9.18 -1.13
CA VAL A 275 7.00 -8.07 -1.25
C VAL A 275 7.63 -8.10 -2.63
N ILE A 276 7.53 -6.97 -3.33
CA ILE A 276 8.20 -6.78 -4.62
C ILE A 276 9.38 -5.81 -4.43
N PRO A 277 10.60 -6.35 -4.26
CA PRO A 277 11.76 -5.46 -4.23
C PRO A 277 11.98 -4.90 -5.63
N LEU A 278 12.75 -3.82 -5.73
CA LEU A 278 13.19 -3.42 -7.06
C LEU A 278 13.73 -4.62 -7.86
N GLY A 279 13.41 -4.65 -9.15
CA GLY A 279 13.90 -5.71 -10.02
C GLY A 279 15.40 -5.66 -10.23
N GLY A 280 15.97 -6.76 -10.70
CA GLY A 280 17.38 -6.80 -11.04
C GLY A 280 18.15 -7.83 -10.26
N GLY A 281 19.48 -7.77 -10.41
CA GLY A 281 20.36 -8.78 -9.89
C GLY A 281 20.61 -9.80 -10.98
N GLU A 282 21.80 -10.37 -10.98
CA GLU A 282 22.16 -11.38 -11.98
C GLU A 282 21.32 -12.64 -11.81
N THR A 283 20.98 -13.27 -12.93
CA THR A 283 20.17 -14.49 -12.92
C THR A 283 20.88 -15.64 -12.19
N VAL A 284 20.12 -16.32 -11.33
CA VAL A 284 20.58 -17.54 -10.66
C VAL A 284 19.61 -18.65 -11.03
N GLY A 285 20.15 -19.78 -11.51
CA GLY A 285 19.31 -20.87 -12.01
C GLY A 285 18.77 -20.56 -13.40
N THR A 286 17.78 -21.33 -13.82
CA THR A 286 17.21 -21.21 -15.18
C THR A 286 16.11 -20.15 -15.21
N PHE A 287 16.17 -19.27 -16.21
CA PHE A 287 15.06 -18.35 -16.47
C PHE A 287 13.96 -19.10 -17.23
N VAL A 288 12.73 -19.00 -16.74
CA VAL A 288 11.61 -19.66 -17.38
C VAL A 288 10.65 -18.60 -17.93
N SER A 289 10.53 -18.56 -19.25
CA SER A 289 9.62 -17.61 -19.92
C SER A 289 8.17 -18.00 -19.61
N PRO A 290 7.23 -17.04 -19.75
CA PRO A 290 5.81 -17.38 -19.59
C PRO A 290 5.37 -18.60 -20.42
N GLY A 291 5.78 -18.64 -21.69
CA GLY A 291 5.49 -19.77 -22.57
C GLY A 291 6.05 -21.09 -22.09
N GLN A 292 7.30 -21.08 -21.63
CA GLN A 292 7.96 -22.26 -21.10
C GLN A 292 7.28 -22.73 -19.82
N ALA A 293 6.81 -21.77 -19.01
CA ALA A 293 6.11 -22.09 -17.77
C ALA A 293 4.79 -22.80 -18.05
N ARG A 294 4.03 -22.29 -19.02
CA ARG A 294 2.79 -22.94 -19.43
C ARG A 294 3.04 -24.39 -19.86
N ARG A 295 4.10 -24.61 -20.62
CA ARG A 295 4.46 -25.96 -21.06
C ARG A 295 4.83 -26.84 -19.86
N LYS A 296 5.70 -26.32 -18.99
CA LYS A 296 6.17 -27.07 -17.82
C LYS A 296 5.06 -27.46 -16.85
N ILE A 297 4.13 -26.52 -16.63
CA ILE A 297 3.00 -26.75 -15.73
C ILE A 297 2.11 -27.87 -16.28
N ALA A 298 1.81 -27.81 -17.58
CA ALA A 298 1.04 -28.87 -18.24
C ALA A 298 1.78 -30.20 -18.19
N GLU A 299 3.10 -30.18 -18.37
CA GLU A 299 3.92 -31.41 -18.36
C GLU A 299 3.97 -32.04 -16.96
N SER A 300 3.83 -31.20 -15.94
CA SER A 300 3.73 -31.66 -14.55
C SER A 300 2.32 -32.17 -14.18
N GLY A 301 1.39 -32.05 -15.13
CA GLY A 301 0.04 -32.61 -14.99
C GLY A 301 -0.91 -31.74 -14.19
N ILE A 302 -0.68 -30.42 -14.23
CA ILE A 302 -1.43 -29.46 -13.43
C ILE A 302 -2.07 -28.40 -14.33
N PHE A 303 -3.23 -27.91 -13.91
CA PHE A 303 -3.80 -26.69 -14.46
C PHE A 303 -4.23 -25.76 -13.33
N ILE A 304 -4.22 -24.46 -13.59
CA ILE A 304 -4.63 -23.47 -12.60
C ILE A 304 -6.04 -23.00 -12.96
N GLU A 305 -6.97 -23.19 -12.01
CA GLU A 305 -8.37 -22.82 -12.23
C GLU A 305 -8.51 -21.32 -12.37
N PRO A 306 -9.30 -20.88 -13.37
CA PRO A 306 -9.44 -19.44 -13.65
C PRO A 306 -10.09 -18.68 -12.48
N SER A 307 -9.84 -17.36 -12.46
CA SER A 307 -10.48 -16.46 -11.53
C SER A 307 -11.98 -16.44 -11.70
N ARG A 308 -12.69 -16.27 -10.59
CA ARG A 308 -14.14 -16.06 -10.61
C ARG A 308 -14.52 -14.78 -11.38
N ARG A 309 -13.57 -13.84 -11.47
CA ARG A 309 -13.77 -12.57 -12.17
C ARG A 309 -13.10 -12.51 -13.55
N ASP A 310 -12.68 -13.65 -14.07
CA ASP A 310 -12.11 -13.72 -15.41
C ASP A 310 -13.17 -13.39 -16.46
FE FE B . 7.11 7.84 5.43
MN MN C . 4.90 8.35 7.89
C ACT D . 7.95 9.44 8.17
O ACT D . 8.17 9.15 6.96
OXT ACT D . 6.76 9.41 8.58
CH3 ACT D . 9.09 9.81 9.06
C1 BTB E . 3.34 20.95 6.50
O1 BTB E . 2.77 21.56 7.68
C2 BTB E . 4.06 19.65 6.89
C3 BTB E . 5.30 20.06 7.68
O3 BTB E . 6.30 19.05 7.82
C4 BTB E . 4.39 18.93 5.58
O4 BTB E . 4.96 17.64 5.80
N BTB E . 3.09 18.86 7.73
C5 BTB E . 1.91 18.44 6.92
C6 BTB E . 0.69 18.13 7.77
O6 BTB E . 0.46 19.16 8.73
C7 BTB E . 3.67 17.70 8.45
C8 BTB E . 3.30 17.74 9.94
O8 BTB E . 3.64 19.02 10.50
C1 MPD F . -15.36 10.57 9.40
C2 MPD F . -15.42 11.65 8.33
O2 MPD F . -14.05 12.10 8.16
CM MPD F . -15.92 11.07 7.02
C3 MPD F . -16.33 12.81 8.74
C4 MPD F . -15.89 13.54 10.02
O4 MPD F . -14.65 14.18 9.81
C5 MPD F . -16.94 14.58 10.42
C1 MPD G . -9.32 9.01 -4.48
C2 MPD G . -9.33 8.63 -3.01
O2 MPD G . -8.39 7.55 -2.80
CM MPD G . -8.83 9.81 -2.20
C3 MPD G . -10.73 8.26 -2.50
C4 MPD G . -11.46 7.00 -3.02
O4 MPD G . -11.25 6.78 -4.39
C5 MPD G . -11.11 5.74 -2.22
C ACT H . -16.60 -11.99 4.19
O ACT H . -16.89 -13.20 4.04
OXT ACT H . -17.52 -11.17 3.94
CH3 ACT H . -15.23 -11.56 4.63
#